data_2OUL
#
_entry.id   2OUL
#
_cell.length_a   94.236
_cell.length_b   94.236
_cell.length_c   119.764
_cell.angle_alpha   90.00
_cell.angle_beta   90.00
_cell.angle_gamma   90.00
#
_symmetry.space_group_name_H-M   'P 43 21 2'
#
loop_
_entity.id
_entity.type
_entity.pdbx_description
1 polymer 'Falcipain 2'
2 polymer Chagasin
3 water water
#
loop_
_entity_poly.entity_id
_entity_poly.type
_entity_poly.pdbx_seq_one_letter_code
_entity_poly.pdbx_strand_id
1 'polypeptide(L)'
;QMNYEEVIKKYRGEENFDHAAYDWRLHSGVTPVKDQKNCGSCWAFSSIGSVESQYAIRKNKLITLSEQELVDCSFKNYGC
NGGLINNAFEDMIELGGICPDGDYPYVSDAPNLCNIDRCTEKYGIKNYLSVPDNKLKEALRFLGPISISVAVSDDFAFYK
EGIFDGECGDQLNHAVMLVGFGMKEIVNPLTKKGEKHYYYIIKNSWGQQWGERGFINIETDESGLMRKCGLGTDAFIPLI
E
;
A
2 'polypeptide(L)'
;MSHKVTKAHNGATLTVAVGELVEIQLPSNPTTGFAWYFEGGTKESPNESMFTVENKYFPPDSKLLGAGGTEHFHVTVKAA
GTHAVNLTYMRPWTGPSHDSERFTVYLKAN
;
B
#
# COMPACT_ATOMS: atom_id res chain seq x y z
N GLN A 1 -6.91 25.59 4.57
CA GLN A 1 -7.72 26.65 3.88
C GLN A 1 -9.12 26.14 3.40
N MET A 2 -9.19 25.03 2.65
CA MET A 2 -10.51 24.48 2.21
C MET A 2 -11.25 23.87 3.39
N ASN A 3 -12.50 24.29 3.58
CA ASN A 3 -13.28 23.90 4.73
C ASN A 3 -14.22 22.77 4.36
N TYR A 4 -14.16 21.65 5.09
CA TYR A 4 -14.96 20.46 4.70
C TYR A 4 -16.45 20.70 4.76
N GLU A 5 -16.91 21.41 5.79
CA GLU A 5 -18.34 21.64 6.03
C GLU A 5 -18.93 22.55 4.95
N GLU A 6 -18.12 23.46 4.42
CA GLU A 6 -18.53 24.36 3.38
C GLU A 6 -18.58 23.64 2.04
N VAL A 7 -17.63 22.74 1.82
CA VAL A 7 -17.62 21.95 0.60
C VAL A 7 -18.78 20.91 0.58
N ILE A 8 -18.99 20.21 1.69
CA ILE A 8 -20.02 19.20 1.72
C ILE A 8 -21.44 19.80 1.51
N LYS A 9 -21.67 20.98 2.06
CA LYS A 9 -22.93 21.70 1.87
C LYS A 9 -23.25 21.84 0.39
N LYS A 10 -22.23 22.21 -0.38
CA LYS A 10 -22.33 22.38 -1.85
C LYS A 10 -22.63 21.08 -2.60
N TYR A 11 -22.02 19.97 -2.20
CA TYR A 11 -22.06 18.75 -3.00
C TYR A 11 -23.16 17.82 -2.57
N ARG A 12 -23.56 17.90 -1.31
CA ARG A 12 -24.59 17.05 -0.73
C ARG A 12 -25.91 17.78 -0.70
N GLY A 13 -25.86 19.01 -0.19
CA GLY A 13 -27.06 19.76 0.15
C GLY A 13 -27.72 19.13 1.36
N GLU A 14 -29.00 18.82 1.20
CA GLU A 14 -29.84 18.15 2.21
C GLU A 14 -30.22 16.71 1.78
N GLU A 15 -29.73 16.31 0.60
CA GLU A 15 -29.73 14.90 0.13
C GLU A 15 -29.26 13.91 1.19
N ASN A 16 -30.13 12.99 1.62
CA ASN A 16 -29.73 11.91 2.54
C ASN A 16 -29.14 10.72 1.75
N PHE A 17 -28.61 9.71 2.45
CA PHE A 17 -27.96 8.59 1.75
C PHE A 17 -27.91 7.32 2.58
N ASP A 18 -27.91 6.20 1.88
CA ASP A 18 -27.78 4.92 2.52
C ASP A 18 -26.36 4.67 3.05
N HIS A 19 -26.24 4.44 4.36
CA HIS A 19 -24.94 4.12 4.95
C HIS A 19 -24.46 2.67 4.75
N ALA A 20 -25.30 1.80 4.21
CA ALA A 20 -24.93 0.40 3.99
C ALA A 20 -23.96 0.22 2.81
N ALA A 21 -24.21 0.90 1.69
CA ALA A 21 -23.55 0.57 0.43
C ALA A 21 -23.49 1.71 -0.56
N TYR A 22 -22.28 1.98 -1.03
CA TYR A 22 -22.03 2.78 -2.23
C TYR A 22 -20.63 2.48 -2.73
N ASP A 23 -20.53 2.04 -3.98
CA ASP A 23 -19.30 1.56 -4.58
C ASP A 23 -19.07 2.36 -5.88
N TRP A 24 -18.00 3.18 -5.94
CA TRP A 24 -17.67 3.94 -7.16
C TRP A 24 -17.29 3.06 -8.34
N ARG A 25 -16.94 1.80 -8.07
CA ARG A 25 -16.67 0.88 -9.15
C ARG A 25 -17.87 0.67 -10.07
N LEU A 26 -19.07 0.94 -9.54
CA LEU A 26 -20.30 0.70 -10.31
C LEU A 26 -20.90 1.97 -10.90
N HIS A 27 -20.29 3.12 -10.60
CA HIS A 27 -20.80 4.45 -10.99
C HIS A 27 -19.70 5.24 -11.67
N SER A 28 -18.86 4.53 -12.42
CA SER A 28 -17.93 5.20 -13.35
C SER A 28 -16.94 6.13 -12.60
N GLY A 29 -16.49 5.67 -11.45
CA GLY A 29 -15.67 6.44 -10.57
C GLY A 29 -14.30 5.88 -10.30
N VAL A 30 -13.98 4.71 -10.84
CA VAL A 30 -12.74 4.00 -10.49
C VAL A 30 -12.02 3.52 -11.76
N THR A 31 -10.80 4.00 -11.95
CA THR A 31 -9.97 3.65 -13.08
C THR A 31 -9.18 2.36 -12.72
N PRO A 32 -8.58 1.66 -13.71
CA PRO A 32 -7.91 0.41 -13.42
C PRO A 32 -6.83 0.39 -12.35
N VAL A 33 -6.75 -0.75 -11.68
CA VAL A 33 -5.70 -1.06 -10.70
C VAL A 33 -4.38 -1.08 -11.41
N LYS A 34 -3.41 -0.43 -10.79
CA LYS A 34 -2.04 -0.34 -11.25
C LYS A 34 -1.11 -1.05 -10.24
N ASP A 35 0.17 -1.10 -10.57
CA ASP A 35 1.17 -1.77 -9.74
C ASP A 35 2.42 -0.93 -9.49
N GLN A 36 2.64 -0.58 -8.22
CA GLN A 36 3.81 0.22 -7.82
C GLN A 36 5.13 -0.55 -7.94
N LYS A 37 5.01 -1.88 -7.90
CA LYS A 37 6.10 -2.81 -7.95
C LYS A 37 7.02 -2.65 -6.74
N ASN A 38 8.33 -2.85 -6.93
CA ASN A 38 9.27 -2.79 -5.84
C ASN A 38 9.82 -1.36 -5.73
N CYS A 39 9.04 -0.51 -5.08
CA CYS A 39 9.25 0.89 -5.08
C CYS A 39 8.25 1.47 -4.10
N GLY A 40 8.74 2.25 -3.15
CA GLY A 40 7.90 2.89 -2.12
C GLY A 40 7.14 4.12 -2.58
N SER A 41 6.34 3.95 -3.63
CA SER A 41 5.70 5.04 -4.36
C SER A 41 4.16 5.05 -4.23
N CYS A 42 3.60 4.25 -3.34
CA CYS A 42 2.13 4.26 -3.06
C CYS A 42 1.49 5.63 -2.84
N TRP A 43 2.23 6.56 -2.23
CA TRP A 43 1.79 7.97 -2.09
C TRP A 43 1.39 8.64 -3.39
N ALA A 44 2.10 8.27 -4.46
CA ALA A 44 1.87 8.80 -5.80
C ALA A 44 0.73 8.08 -6.46
N PHE A 45 0.62 6.77 -6.25
CA PHE A 45 -0.43 5.93 -6.83
C PHE A 45 -1.79 6.25 -6.25
N SER A 46 -1.84 6.39 -4.94
CA SER A 46 -3.04 6.80 -4.23
C SER A 46 -3.54 8.18 -4.65
N SER A 47 -2.63 9.15 -4.70
CA SER A 47 -3.04 10.54 -5.01
C SER A 47 -3.41 10.74 -6.50
N ILE A 48 -2.65 10.12 -7.42
CA ILE A 48 -2.96 10.11 -8.87
C ILE A 48 -4.29 9.44 -9.18
N GLY A 49 -4.52 8.28 -8.56
CA GLY A 49 -5.79 7.55 -8.65
C GLY A 49 -7.00 8.36 -8.30
N SER A 50 -6.91 9.13 -7.23
CA SER A 50 -8.00 10.01 -6.80
C SER A 50 -8.30 11.16 -7.77
N VAL A 51 -7.27 11.65 -8.46
CA VAL A 51 -7.40 12.65 -9.56
C VAL A 51 -8.04 11.98 -10.79
N GLU A 52 -7.50 10.81 -11.16
CA GLU A 52 -8.12 10.00 -12.21
C GLU A 52 -9.64 9.79 -11.99
N SER A 53 -10.05 9.52 -10.76
CA SER A 53 -11.45 9.35 -10.41
C SER A 53 -12.27 10.58 -10.58
N GLN A 54 -11.75 11.73 -10.18
CA GLN A 54 -12.48 12.97 -10.34
C GLN A 54 -12.72 13.32 -11.81
N TYR A 55 -11.75 13.03 -12.68
CA TYR A 55 -11.98 13.24 -14.12
C TYR A 55 -13.09 12.35 -14.66
N ALA A 56 -13.12 11.08 -14.24
CA ALA A 56 -14.17 10.09 -14.62
C ALA A 56 -15.53 10.57 -14.15
N ILE A 57 -15.56 10.97 -12.87
CA ILE A 57 -16.80 11.40 -12.21
C ILE A 57 -17.32 12.76 -12.66
N ARG A 58 -16.46 13.78 -12.71
CA ARG A 58 -16.91 15.18 -12.97
C ARG A 58 -16.86 15.57 -14.43
N LYS A 59 -15.99 14.93 -15.19
CA LYS A 59 -15.82 15.27 -16.60
C LYS A 59 -16.12 14.14 -17.59
N ASN A 60 -16.55 12.98 -17.10
CA ASN A 60 -16.73 11.79 -17.92
C ASN A 60 -15.55 11.52 -18.86
N LYS A 61 -14.35 11.57 -18.32
CA LYS A 61 -13.12 11.43 -19.05
C LYS A 61 -12.33 10.33 -18.33
N LEU A 62 -12.08 9.23 -19.06
CA LEU A 62 -11.16 8.19 -18.62
C LEU A 62 -9.76 8.60 -19.02
N ILE A 63 -8.91 8.88 -18.05
CA ILE A 63 -7.51 9.22 -18.30
C ILE A 63 -6.67 8.51 -17.24
N THR A 64 -5.51 8.03 -17.67
CA THR A 64 -4.57 7.46 -16.77
C THR A 64 -3.35 8.36 -16.77
N LEU A 65 -2.92 8.73 -15.57
CA LEU A 65 -1.94 9.77 -15.36
C LEU A 65 -0.65 9.19 -14.79
N SER A 66 0.40 10.00 -14.85
CA SER A 66 1.77 9.56 -14.59
C SER A 66 2.21 9.65 -13.13
N GLU A 67 2.23 8.49 -12.45
CA GLU A 67 2.84 8.38 -11.13
C GLU A 67 4.33 8.70 -11.22
N GLN A 68 4.94 8.26 -12.32
CA GLN A 68 6.37 8.51 -12.55
C GLN A 68 6.78 10.01 -12.49
N GLU A 69 5.97 10.88 -13.04
CA GLU A 69 6.20 12.32 -13.00
C GLU A 69 6.18 12.83 -11.57
N LEU A 70 5.25 12.32 -10.77
CA LEU A 70 5.22 12.69 -9.36
C LEU A 70 6.44 12.11 -8.67
N VAL A 71 6.79 10.86 -8.94
CA VAL A 71 7.99 10.26 -8.38
C VAL A 71 9.26 11.09 -8.69
N ASP A 72 9.44 11.42 -9.97
CA ASP A 72 10.62 12.16 -10.44
C ASP A 72 10.58 13.63 -10.01
N CYS A 73 9.39 14.23 -10.03
CA CYS A 73 9.28 15.70 -10.05
C CYS A 73 8.80 16.36 -8.77
N SER A 74 8.24 15.59 -7.84
CA SER A 74 7.70 16.07 -6.59
C SER A 74 8.83 16.23 -5.56
N PHE A 75 9.28 17.47 -5.37
CA PHE A 75 10.41 17.79 -4.54
C PHE A 75 10.09 17.69 -3.02
N LYS A 76 8.80 17.76 -2.67
CA LYS A 76 8.38 17.60 -1.28
C LYS A 76 8.37 16.12 -0.85
N ASN A 77 8.42 15.19 -1.79
CA ASN A 77 8.35 13.76 -1.51
C ASN A 77 9.63 13.12 -1.93
N TYR A 78 9.85 11.85 -1.58
CA TYR A 78 11.16 11.22 -1.71
C TYR A 78 11.15 10.01 -2.63
N GLY A 79 10.35 10.09 -3.70
CA GLY A 79 10.39 9.10 -4.76
C GLY A 79 10.08 7.71 -4.29
N CYS A 80 11.03 6.81 -4.46
CA CYS A 80 10.84 5.43 -4.11
C CYS A 80 11.04 5.15 -2.63
N ASN A 81 11.56 6.15 -1.91
CA ASN A 81 11.69 6.11 -0.44
C ASN A 81 10.56 6.79 0.40
N GLY A 82 9.41 7.03 -0.21
CA GLY A 82 8.25 7.50 0.51
C GLY A 82 7.84 8.94 0.30
N GLY A 83 6.67 9.26 0.84
CA GLY A 83 6.08 10.58 0.68
C GLY A 83 4.77 10.70 1.42
N LEU A 84 4.14 11.86 1.29
CA LEU A 84 2.86 12.16 1.94
C LEU A 84 1.79 12.50 0.90
N ILE A 85 0.55 12.14 1.20
CA ILE A 85 -0.57 12.42 0.29
C ILE A 85 -0.78 13.91 0.04
N ASN A 86 -0.88 14.70 1.10
CA ASN A 86 -1.09 16.14 0.92
C ASN A 86 0.07 16.84 0.16
N ASN A 87 1.29 16.41 0.43
CA ASN A 87 2.47 16.91 -0.24
C ASN A 87 2.41 16.67 -1.75
N ALA A 88 2.01 15.45 -2.13
CA ALA A 88 1.75 15.06 -3.51
C ALA A 88 0.77 16.02 -4.23
N PHE A 89 -0.36 16.34 -3.61
CA PHE A 89 -1.35 17.22 -4.20
C PHE A 89 -0.80 18.65 -4.30
N GLU A 90 -0.06 19.09 -3.29
CA GLU A 90 0.60 20.38 -3.35
C GLU A 90 1.53 20.45 -4.57
N ASP A 91 2.35 19.41 -4.75
CA ASP A 91 3.28 19.41 -5.90
C ASP A 91 2.60 19.38 -7.27
N MET A 92 1.47 18.67 -7.39
CA MET A 92 0.61 18.70 -8.59
C MET A 92 0.11 20.08 -8.93
N ILE A 93 -0.29 20.87 -7.92
CA ILE A 93 -0.70 22.25 -8.15
C ILE A 93 0.50 23.05 -8.68
N GLU A 94 1.62 22.95 -7.98
CA GLU A 94 2.87 23.63 -8.37
C GLU A 94 3.37 23.25 -9.77
N LEU A 95 3.34 21.97 -10.09
CA LEU A 95 3.83 21.44 -11.39
C LEU A 95 2.95 21.79 -12.59
N GLY A 96 1.75 22.35 -12.35
CA GLY A 96 0.78 22.60 -13.40
C GLY A 96 0.01 21.35 -13.81
N GLY A 97 -0.24 20.43 -12.89
CA GLY A 97 -0.80 19.13 -13.25
C GLY A 97 0.21 18.10 -13.74
N ILE A 98 -0.30 16.98 -14.24
CA ILE A 98 0.49 15.78 -14.57
C ILE A 98 0.20 15.27 -16.01
N CYS A 99 1.24 14.76 -16.66
CA CYS A 99 1.13 14.05 -17.92
C CYS A 99 0.34 12.75 -17.80
N PRO A 100 -0.37 12.36 -18.87
CA PRO A 100 -0.84 11.00 -19.04
C PRO A 100 0.32 10.04 -19.01
N ASP A 101 0.08 8.85 -18.45
CA ASP A 101 1.17 7.89 -18.28
C ASP A 101 1.57 7.25 -19.58
N GLY A 102 0.75 7.42 -20.62
CA GLY A 102 1.11 7.01 -21.97
C GLY A 102 2.27 7.83 -22.50
N ASP A 103 2.40 9.07 -22.04
CA ASP A 103 3.48 9.98 -22.46
C ASP A 103 4.66 9.99 -21.47
N TYR A 104 4.48 9.34 -20.32
CA TYR A 104 5.41 9.38 -19.20
C TYR A 104 5.22 8.10 -18.35
N PRO A 105 5.62 6.95 -18.92
CA PRO A 105 5.42 5.64 -18.31
C PRO A 105 6.14 5.39 -16.99
N TYR A 106 5.68 4.37 -16.28
CA TYR A 106 6.19 4.00 -14.95
C TYR A 106 7.35 3.01 -15.10
N VAL A 107 8.48 3.39 -14.52
CA VAL A 107 9.71 2.60 -14.57
C VAL A 107 10.17 2.16 -13.17
N SER A 108 9.29 2.36 -12.18
CA SER A 108 9.48 1.82 -10.83
C SER A 108 10.71 2.50 -10.22
N ASP A 109 11.61 1.72 -9.59
CA ASP A 109 12.85 2.27 -9.04
C ASP A 109 14.01 2.40 -10.04
N ALA A 110 13.75 2.34 -11.34
CA ALA A 110 14.83 2.54 -12.29
C ALA A 110 15.13 4.06 -12.28
N PRO A 111 16.43 4.45 -12.31
CA PRO A 111 16.80 5.85 -12.43
C PRO A 111 16.10 6.58 -13.58
N ASN A 112 15.65 7.79 -13.31
CA ASN A 112 14.83 8.55 -14.23
C ASN A 112 14.85 10.02 -13.83
N LEU A 113 14.97 10.92 -14.82
CA LEU A 113 15.05 12.35 -14.54
C LEU A 113 13.69 13.01 -14.72
N CYS A 114 13.38 13.95 -13.85
CA CYS A 114 12.18 14.78 -13.99
C CYS A 114 12.19 15.58 -15.30
N ASN A 115 11.10 15.49 -16.06
CA ASN A 115 10.87 16.30 -17.24
C ASN A 115 9.39 16.67 -17.24
N ILE A 116 9.11 17.96 -16.98
CA ILE A 116 7.72 18.44 -16.72
C ILE A 116 6.99 18.79 -18.01
N ASP A 117 7.68 18.60 -19.14
CA ASP A 117 7.14 18.85 -20.47
C ASP A 117 7.15 17.64 -21.44
N ARG A 118 6.67 16.49 -20.99
CA ARG A 118 6.58 15.30 -21.83
C ARG A 118 5.26 15.12 -22.61
N CYS A 119 4.29 16.02 -22.42
CA CYS A 119 3.02 15.95 -23.15
C CYS A 119 2.53 17.32 -23.57
N THR A 120 1.57 17.35 -24.48
CA THR A 120 0.99 18.62 -24.96
C THR A 120 -0.01 19.18 -23.94
N GLU A 121 -0.65 18.31 -23.16
CA GLU A 121 -1.66 18.73 -22.18
C GLU A 121 -1.66 17.94 -20.88
N LYS A 122 -1.52 18.68 -19.79
CA LYS A 122 -1.40 18.10 -18.48
C LYS A 122 -2.77 18.10 -17.85
N TYR A 123 -2.95 17.23 -16.86
CA TYR A 123 -4.21 17.14 -16.12
C TYR A 123 -3.97 17.58 -14.71
N GLY A 124 -4.64 18.67 -14.32
CA GLY A 124 -4.45 19.27 -13.00
C GLY A 124 -5.58 19.15 -11.98
N ILE A 125 -5.29 19.75 -10.82
CA ILE A 125 -6.29 20.02 -9.80
C ILE A 125 -6.29 21.52 -9.46
N LYS A 126 -7.41 21.92 -8.87
CA LYS A 126 -7.56 23.25 -8.29
C LYS A 126 -7.02 23.33 -6.86
N ASN A 127 -7.50 22.43 -6.01
CA ASN A 127 -7.01 22.26 -4.64
C ASN A 127 -7.37 20.86 -4.12
N TYR A 128 -7.08 20.59 -2.86
CA TYR A 128 -7.48 19.35 -2.25
C TYR A 128 -8.05 19.60 -0.84
N LEU A 129 -8.90 18.70 -0.40
CA LEU A 129 -9.62 18.82 0.85
C LEU A 129 -9.25 17.67 1.78
N SER A 130 -9.00 18.00 3.06
CA SER A 130 -8.92 17.04 4.15
C SER A 130 -10.30 16.62 4.65
N VAL A 131 -10.53 15.31 4.67
CA VAL A 131 -11.80 14.75 5.15
C VAL A 131 -11.62 14.39 6.62
N PRO A 132 -12.53 14.89 7.48
CA PRO A 132 -12.50 14.48 8.87
C PRO A 132 -12.75 12.99 9.05
N ASP A 133 -12.12 12.40 10.06
CA ASP A 133 -12.14 10.93 10.21
C ASP A 133 -13.52 10.36 10.54
N ASN A 134 -14.45 11.21 10.92
CA ASN A 134 -15.83 10.81 11.19
C ASN A 134 -16.83 11.10 10.04
N LYS A 135 -16.29 11.48 8.88
CA LYS A 135 -17.11 11.79 7.70
C LYS A 135 -16.72 11.01 6.45
N LEU A 136 -16.02 9.90 6.59
CA LEU A 136 -15.56 9.13 5.42
C LEU A 136 -16.70 8.64 4.49
N LYS A 137 -17.80 8.15 5.06
CA LYS A 137 -18.88 7.64 4.22
C LYS A 137 -19.59 8.73 3.40
N GLU A 138 -19.86 9.86 4.05
CA GLU A 138 -20.48 11.02 3.44
C GLU A 138 -19.58 11.58 2.32
N ALA A 139 -18.28 11.72 2.63
CA ALA A 139 -17.29 12.24 1.72
C ALA A 139 -17.17 11.35 0.50
N LEU A 140 -17.16 10.05 0.71
CA LEU A 140 -17.17 9.09 -0.37
C LEU A 140 -18.42 9.19 -1.25
N ARG A 141 -19.58 9.19 -0.60
CA ARG A 141 -20.85 9.25 -1.30
C ARG A 141 -20.95 10.46 -2.20
N PHE A 142 -20.59 11.62 -1.69
CA PHE A 142 -20.89 12.87 -2.37
C PHE A 142 -19.71 13.54 -3.06
N LEU A 143 -18.49 13.26 -2.57
CA LEU A 143 -17.28 13.92 -3.11
C LEU A 143 -16.50 12.96 -4.05
N GLY A 144 -16.33 11.70 -3.69
CA GLY A 144 -15.61 10.74 -4.54
C GLY A 144 -14.58 9.93 -3.76
N PRO A 145 -13.87 9.03 -4.46
CA PRO A 145 -12.76 8.28 -3.88
C PRO A 145 -11.74 9.16 -3.13
N ILE A 146 -11.25 8.62 -2.01
CA ILE A 146 -10.40 9.41 -1.10
C ILE A 146 -9.03 8.73 -1.00
N SER A 147 -7.97 9.54 -1.08
CA SER A 147 -6.61 9.06 -0.78
C SER A 147 -6.39 9.03 0.71
N ILE A 148 -6.10 7.84 1.19
CA ILE A 148 -6.00 7.59 2.63
C ILE A 148 -4.72 6.85 2.99
N SER A 149 -4.31 7.03 4.25
CA SER A 149 -3.32 6.20 4.92
C SER A 149 -3.97 5.00 5.60
N VAL A 150 -3.14 3.95 5.71
CA VAL A 150 -3.47 2.71 6.40
C VAL A 150 -2.13 2.17 6.97
N ALA A 151 -2.18 1.42 8.07
CA ALA A 151 -1.03 0.73 8.66
C ALA A 151 -1.09 -0.75 8.23
N VAL A 152 -0.26 -1.14 7.25
CA VAL A 152 -0.26 -2.51 6.75
C VAL A 152 0.84 -3.36 7.41
N SER A 153 0.50 -4.64 7.65
CA SER A 153 1.47 -5.68 8.00
C SER A 153 1.65 -6.66 6.84
N ASP A 154 2.52 -7.65 7.06
CA ASP A 154 2.66 -8.75 6.14
C ASP A 154 1.38 -9.58 5.92
N ASP A 155 0.42 -9.51 6.83
CA ASP A 155 -0.88 -10.18 6.62
C ASP A 155 -1.64 -9.67 5.38
N PHE A 156 -1.45 -8.39 5.10
CA PHE A 156 -2.00 -7.69 3.92
C PHE A 156 -1.51 -8.35 2.66
N ALA A 157 -0.23 -8.73 2.64
CA ALA A 157 0.38 -9.39 1.48
C ALA A 157 -0.22 -10.80 1.21
N PHE A 158 -0.75 -11.44 2.24
CA PHE A 158 -1.45 -12.73 2.11
C PHE A 158 -2.97 -12.66 1.99
N TYR A 159 -3.54 -11.45 1.90
CA TYR A 159 -4.98 -11.27 1.72
C TYR A 159 -5.40 -11.74 0.33
N LYS A 160 -6.46 -12.56 0.28
CA LYS A 160 -7.04 -13.11 -0.97
C LYS A 160 -8.48 -12.66 -1.27
N GLU A 161 -9.39 -12.72 -0.28
CA GLU A 161 -10.80 -12.45 -0.51
C GLU A 161 -11.53 -12.28 0.81
N GLY A 162 -12.72 -11.69 0.75
CA GLY A 162 -13.56 -11.45 1.90
C GLY A 162 -13.23 -10.14 2.60
N ILE A 163 -13.51 -10.11 3.89
CA ILE A 163 -13.30 -8.96 4.73
C ILE A 163 -12.03 -9.28 5.51
N PHE A 164 -11.04 -8.39 5.36
CA PHE A 164 -9.73 -8.53 5.97
C PHE A 164 -9.80 -8.87 7.47
N ASP A 165 -9.06 -9.93 7.85
CA ASP A 165 -9.05 -10.44 9.24
C ASP A 165 -7.66 -10.50 9.89
N GLY A 166 -6.70 -9.76 9.34
CA GLY A 166 -5.30 -9.85 9.76
C GLY A 166 -4.88 -8.77 10.75
N GLU A 167 -3.60 -8.80 11.13
CA GLU A 167 -3.01 -7.79 12.01
C GLU A 167 -2.70 -6.48 11.31
N CYS A 168 -2.68 -5.41 12.10
CA CYS A 168 -2.32 -4.09 11.66
C CYS A 168 -0.81 -3.86 11.77
N GLY A 169 -0.30 -2.95 10.96
CA GLY A 169 1.07 -2.52 11.05
C GLY A 169 1.22 -1.75 12.34
N ASP A 170 2.47 -1.52 12.72
CA ASP A 170 2.82 -0.72 13.89
C ASP A 170 2.54 0.76 13.69
N GLN A 171 2.51 1.20 12.44
CA GLN A 171 2.53 2.63 12.15
C GLN A 171 1.89 2.85 10.78
N LEU A 172 1.21 3.98 10.56
CA LEU A 172 0.66 4.30 9.24
C LEU A 172 1.81 4.28 8.23
N ASN A 173 1.65 3.58 7.11
CA ASN A 173 2.79 3.28 6.25
C ASN A 173 2.55 3.22 4.77
N HIS A 174 1.28 3.26 4.35
CA HIS A 174 0.88 2.89 3.01
C HIS A 174 -0.30 3.74 2.64
N ALA A 175 -0.20 4.36 1.48
CA ALA A 175 -1.27 5.16 0.89
C ALA A 175 -2.06 4.29 -0.08
N VAL A 176 -3.38 4.37 0.06
CA VAL A 176 -4.33 3.63 -0.76
C VAL A 176 -5.51 4.55 -1.11
N MET A 177 -6.52 3.98 -1.76
CA MET A 177 -7.69 4.71 -2.14
C MET A 177 -8.91 4.06 -1.49
N LEU A 178 -9.77 4.89 -0.89
CA LEU A 178 -11.04 4.45 -0.43
C LEU A 178 -12.00 4.72 -1.59
N VAL A 179 -12.63 3.66 -2.10
CA VAL A 179 -13.48 3.74 -3.30
C VAL A 179 -14.96 3.44 -3.04
N GLY A 180 -15.26 2.96 -1.84
CA GLY A 180 -16.64 2.73 -1.50
C GLY A 180 -16.78 2.04 -0.19
N PHE A 181 -18.02 1.65 0.04
CA PHE A 181 -18.40 0.90 1.23
C PHE A 181 -19.50 -0.08 0.83
N GLY A 182 -19.60 -1.16 1.60
CA GLY A 182 -20.61 -2.18 1.35
C GLY A 182 -21.08 -2.90 2.61
N MET A 183 -22.08 -3.76 2.44
CA MET A 183 -22.60 -4.56 3.52
C MET A 183 -22.98 -5.97 3.04
N LYS A 184 -22.59 -7.01 3.77
CA LYS A 184 -23.03 -8.36 3.45
C LYS A 184 -23.73 -9.00 4.65
N GLU A 185 -24.93 -9.53 4.43
CA GLU A 185 -25.68 -10.22 5.46
C GLU A 185 -25.17 -11.65 5.49
N ILE A 186 -24.66 -12.08 6.65
CA ILE A 186 -24.16 -13.44 6.88
C ILE A 186 -24.86 -14.08 8.10
N VAL A 187 -25.39 -15.29 7.94
CA VAL A 187 -26.08 -16.00 9.04
C VAL A 187 -25.09 -16.40 10.15
N ASN A 188 -25.40 -15.97 11.36
CA ASN A 188 -24.74 -16.42 12.58
C ASN A 188 -25.16 -17.88 12.78
N PRO A 189 -24.19 -18.82 12.75
CA PRO A 189 -24.55 -20.23 12.90
C PRO A 189 -25.17 -20.63 14.25
N LEU A 190 -25.00 -19.81 15.27
CA LEU A 190 -25.61 -19.99 16.60
C LEU A 190 -27.05 -19.45 16.68
N THR A 191 -27.22 -18.17 16.43
CA THR A 191 -28.55 -17.54 16.45
C THR A 191 -29.44 -17.94 15.26
N LYS A 192 -28.82 -18.38 14.17
CA LYS A 192 -29.50 -18.76 12.90
C LYS A 192 -30.14 -17.55 12.26
N LYS A 193 -29.60 -16.36 12.53
CA LYS A 193 -30.14 -15.16 11.92
C LYS A 193 -29.06 -14.43 11.17
N GLY A 194 -29.46 -13.75 10.11
CA GLY A 194 -28.59 -12.89 9.36
C GLY A 194 -28.12 -11.70 10.17
N GLU A 195 -26.84 -11.38 10.02
CA GLU A 195 -26.24 -10.24 10.66
C GLU A 195 -25.60 -9.42 9.59
N LYS A 196 -25.66 -8.10 9.73
CA LYS A 196 -25.09 -7.19 8.75
C LYS A 196 -23.62 -6.94 9.02
N HIS A 197 -22.80 -7.17 8.02
CA HIS A 197 -21.37 -6.97 8.14
C HIS A 197 -20.97 -5.88 7.13
N TYR A 198 -20.54 -4.75 7.67
CA TYR A 198 -20.17 -3.55 6.91
C TYR A 198 -18.70 -3.53 6.67
N TYR A 199 -18.33 -2.99 5.51
CA TYR A 199 -16.92 -2.90 5.12
C TYR A 199 -16.64 -1.68 4.24
N TYR A 200 -15.42 -1.18 4.33
CA TYR A 200 -14.91 -0.21 3.38
C TYR A 200 -14.25 -0.98 2.25
N ILE A 201 -14.28 -0.41 1.05
CA ILE A 201 -13.69 -1.01 -0.15
C ILE A 201 -12.50 -0.14 -0.57
N ILE A 202 -11.34 -0.74 -0.59
CA ILE A 202 -10.08 -0.04 -0.86
C ILE A 202 -9.46 -0.53 -2.16
N LYS A 203 -8.96 0.40 -2.96
CA LYS A 203 -8.11 0.10 -4.12
C LYS A 203 -6.62 0.26 -3.75
N ASN A 204 -5.88 -0.83 -3.90
CA ASN A 204 -4.48 -0.87 -3.59
C ASN A 204 -3.73 -0.77 -4.92
N SER A 205 -2.41 -0.69 -4.83
CA SER A 205 -1.53 -0.55 -5.99
C SER A 205 -0.50 -1.68 -6.00
N TRP A 206 -0.96 -2.91 -5.72
CA TRP A 206 -0.09 -4.08 -5.79
C TRP A 206 -0.43 -5.01 -6.95
N GLY A 207 -1.02 -4.45 -8.01
CA GLY A 207 -1.42 -5.20 -9.17
C GLY A 207 -2.78 -5.87 -9.01
N GLN A 208 -3.27 -6.40 -10.12
CA GLN A 208 -4.60 -7.04 -10.16
C GLN A 208 -4.61 -8.51 -9.72
N GLN A 209 -3.46 -9.15 -9.54
CA GLN A 209 -3.44 -10.52 -9.00
C GLN A 209 -3.41 -10.54 -7.48
N TRP A 210 -3.38 -9.35 -6.85
CA TRP A 210 -3.44 -9.23 -5.40
C TRP A 210 -4.90 -9.07 -4.94
N GLY A 211 -5.27 -9.78 -3.88
CA GLY A 211 -6.55 -9.56 -3.22
C GLY A 211 -7.71 -9.84 -4.17
N GLU A 212 -8.75 -9.03 -4.09
CA GLU A 212 -9.92 -9.20 -4.96
C GLU A 212 -9.67 -8.33 -6.18
N ARG A 213 -8.93 -8.88 -7.14
CA ARG A 213 -8.55 -8.14 -8.36
C ARG A 213 -7.94 -6.74 -8.09
N GLY A 214 -7.15 -6.67 -7.02
CA GLY A 214 -6.43 -5.46 -6.64
C GLY A 214 -7.07 -4.69 -5.51
N PHE A 215 -8.24 -5.16 -5.05
CA PHE A 215 -9.05 -4.47 -4.03
C PHE A 215 -9.07 -5.26 -2.73
N ILE A 216 -9.36 -4.57 -1.63
CA ILE A 216 -9.51 -5.18 -0.31
C ILE A 216 -10.71 -4.61 0.44
N ASN A 217 -11.48 -5.47 1.10
CA ASN A 217 -12.57 -5.05 1.94
C ASN A 217 -12.13 -5.05 3.40
N ILE A 218 -12.41 -3.96 4.09
CA ILE A 218 -11.93 -3.78 5.45
C ILE A 218 -13.13 -3.50 6.36
N GLU A 219 -13.18 -4.24 7.47
CA GLU A 219 -14.29 -4.15 8.38
C GLU A 219 -14.53 -2.74 8.84
N THR A 220 -15.79 -2.34 8.77
CA THR A 220 -16.26 -1.15 9.41
C THR A 220 -17.58 -1.42 10.10
N ASP A 221 -18.28 -0.34 10.46
CA ASP A 221 -19.60 -0.39 11.06
C ASP A 221 -20.56 0.46 10.23
N GLU A 222 -21.83 0.55 10.64
CA GLU A 222 -22.85 1.28 9.86
C GLU A 222 -22.54 2.76 9.67
N SER A 223 -22.13 3.44 10.72
CA SER A 223 -21.72 4.85 10.66
C SER A 223 -20.45 5.12 9.83
N GLY A 224 -19.57 4.12 9.75
CA GLY A 224 -18.27 4.25 9.13
C GLY A 224 -17.22 4.86 10.04
N LEU A 225 -17.53 5.03 11.32
CA LEU A 225 -16.58 5.57 12.31
C LEU A 225 -15.55 4.53 12.70
N MET A 226 -15.87 3.24 12.53
CA MET A 226 -14.89 2.18 12.67
C MET A 226 -13.82 2.21 11.54
N ARG A 227 -12.60 2.47 11.97
CA ARG A 227 -11.46 2.63 11.11
C ARG A 227 -10.35 1.65 11.45
N LYS A 228 -10.43 0.44 10.92
CA LYS A 228 -9.43 -0.57 11.24
C LYS A 228 -8.05 -0.14 10.68
N CYS A 229 -7.00 -0.38 11.47
CA CYS A 229 -5.59 -0.15 11.10
C CYS A 229 -5.28 1.30 10.81
N GLY A 230 -5.98 2.20 11.49
CA GLY A 230 -5.80 3.62 11.26
C GLY A 230 -6.25 4.08 9.88
N LEU A 231 -7.06 3.30 9.16
CA LEU A 231 -7.56 3.75 7.86
C LEU A 231 -8.19 5.13 7.89
N GLY A 232 -7.75 6.01 6.99
CA GLY A 232 -8.32 7.34 6.81
C GLY A 232 -7.88 8.34 7.86
N THR A 233 -6.88 7.99 8.69
CA THR A 233 -6.24 8.96 9.61
C THR A 233 -5.79 10.21 8.79
N ASP A 234 -5.18 9.98 7.63
CA ASP A 234 -4.99 11.00 6.57
C ASP A 234 -5.94 10.65 5.47
N ALA A 235 -6.72 11.66 5.05
CA ALA A 235 -7.79 11.48 4.09
C ALA A 235 -7.94 12.77 3.33
N PHE A 236 -7.65 12.72 2.03
CA PHE A 236 -7.56 13.88 1.19
C PHE A 236 -8.29 13.57 -0.12
N ILE A 237 -9.04 14.54 -0.63
CA ILE A 237 -9.70 14.35 -1.90
C ILE A 237 -9.34 15.55 -2.75
N PRO A 238 -8.84 15.31 -3.99
CA PRO A 238 -8.53 16.43 -4.90
C PRO A 238 -9.82 16.94 -5.55
N LEU A 239 -9.90 18.23 -5.79
CA LEU A 239 -11.01 18.82 -6.50
C LEU A 239 -10.50 19.51 -7.78
N ILE A 240 -11.17 19.20 -8.89
CA ILE A 240 -10.76 19.63 -10.23
C ILE A 240 -11.74 20.65 -10.81
N GLU A 241 -12.78 20.96 -10.04
CA GLU A 241 -13.78 21.97 -10.38
C GLU A 241 -14.11 22.81 -9.14
N LYS B 4 25.45 -8.21 13.52
CA LYS B 4 26.29 -9.26 12.90
C LYS B 4 26.12 -9.20 11.36
N VAL B 5 25.09 -9.79 10.76
CA VAL B 5 25.07 -9.99 9.30
C VAL B 5 24.12 -9.02 8.51
N THR B 6 24.62 -8.52 7.38
CA THR B 6 23.92 -7.54 6.52
C THR B 6 24.05 -7.97 5.05
N LYS B 7 23.51 -7.17 4.15
CA LYS B 7 23.59 -7.48 2.70
C LYS B 7 25.01 -7.52 2.17
N ALA B 8 25.91 -6.81 2.85
CA ALA B 8 27.36 -6.80 2.54
C ALA B 8 27.98 -8.19 2.61
N HIS B 9 27.37 -9.06 3.42
CA HIS B 9 27.83 -10.42 3.63
C HIS B 9 27.18 -11.45 2.70
N ASN B 10 26.45 -10.97 1.67
CA ASN B 10 25.84 -11.87 0.71
C ASN B 10 26.90 -12.84 0.16
N GLY B 11 26.66 -14.13 0.31
CA GLY B 11 27.55 -15.14 -0.23
C GLY B 11 28.74 -15.48 0.65
N ALA B 12 28.91 -14.81 1.78
CA ALA B 12 30.03 -15.10 2.70
C ALA B 12 29.73 -16.34 3.50
N THR B 13 30.80 -16.96 3.98
CA THR B 13 30.75 -18.07 4.91
C THR B 13 31.20 -17.52 6.24
N LEU B 14 30.38 -17.73 7.26
CA LEU B 14 30.72 -17.30 8.59
C LEU B 14 30.94 -18.50 9.48
N THR B 15 32.01 -18.46 10.23
CA THR B 15 32.28 -19.52 11.16
C THR B 15 31.62 -19.16 12.53
N VAL B 16 30.91 -20.13 13.09
CA VAL B 16 29.93 -19.92 14.14
C VAL B 16 29.99 -21.16 15.04
N ALA B 17 29.44 -21.08 16.25
CA ALA B 17 29.38 -22.24 17.12
C ALA B 17 27.96 -22.78 17.13
N VAL B 18 27.81 -24.08 17.33
CA VAL B 18 26.49 -24.66 17.57
C VAL B 18 25.90 -23.93 18.79
N GLY B 19 24.66 -23.45 18.67
CA GLY B 19 24.01 -22.70 19.74
C GLY B 19 24.10 -21.18 19.67
N GLU B 20 25.02 -20.65 18.84
CA GLU B 20 25.19 -19.21 18.68
C GLU B 20 24.09 -18.60 17.83
N LEU B 21 23.70 -17.37 18.18
CA LEU B 21 22.68 -16.56 17.48
C LEU B 21 23.33 -15.64 16.44
N VAL B 22 22.90 -15.76 15.19
CA VAL B 22 23.35 -14.89 14.12
C VAL B 22 22.21 -13.92 13.80
N GLU B 23 22.41 -12.62 13.99
CA GLU B 23 21.40 -11.64 13.60
C GLU B 23 21.62 -11.19 12.16
N ILE B 24 20.65 -11.48 11.30
CA ILE B 24 20.67 -11.04 9.92
C ILE B 24 19.72 -9.85 9.84
N GLN B 25 20.20 -8.76 9.27
CA GLN B 25 19.41 -7.56 9.14
C GLN B 25 19.36 -7.17 7.66
N LEU B 26 18.14 -7.11 7.13
CA LEU B 26 17.91 -6.90 5.69
C LEU B 26 16.85 -5.80 5.50
N PRO B 27 17.11 -4.82 4.60
CA PRO B 27 16.09 -3.79 4.30
C PRO B 27 14.82 -4.44 3.71
N SER B 28 13.65 -3.93 4.08
CA SER B 28 12.41 -4.62 3.72
C SER B 28 11.25 -3.64 3.77
N ASN B 29 10.45 -3.57 2.70
CA ASN B 29 9.35 -2.60 2.62
C ASN B 29 7.99 -3.31 2.40
N PRO B 30 7.24 -3.51 3.49
CA PRO B 30 5.95 -4.20 3.40
C PRO B 30 4.83 -3.44 2.69
N THR B 31 5.04 -2.15 2.49
CA THR B 31 4.13 -1.28 1.80
C THR B 31 4.11 -1.53 0.29
N THR B 32 5.05 -2.33 -0.21
CA THR B 32 5.16 -2.73 -1.60
C THR B 32 4.63 -4.16 -1.80
N GLY B 33 4.34 -4.86 -0.70
CA GLY B 33 3.98 -6.29 -0.74
C GLY B 33 5.12 -7.29 -0.68
N PHE B 34 6.36 -6.78 -0.85
CA PHE B 34 7.57 -7.62 -0.86
C PHE B 34 8.04 -7.81 0.58
N ALA B 35 8.62 -8.97 0.80
CA ALA B 35 9.31 -9.28 2.03
C ALA B 35 10.31 -10.40 1.70
N TRP B 36 11.13 -10.80 2.68
CA TRP B 36 12.14 -11.87 2.47
C TRP B 36 11.62 -13.19 2.96
N TYR B 37 11.77 -14.22 2.14
CA TYR B 37 11.18 -15.51 2.40
C TYR B 37 12.15 -16.62 2.02
N PHE B 38 12.08 -17.73 2.76
CA PHE B 38 12.68 -18.97 2.33
C PHE B 38 11.80 -19.48 1.19
N GLU B 39 12.30 -20.49 0.50
CA GLU B 39 11.57 -21.09 -0.60
C GLU B 39 10.27 -21.67 -0.07
N GLY B 40 9.19 -21.37 -0.78
CA GLY B 40 7.86 -21.72 -0.32
C GLY B 40 7.06 -20.53 0.21
N GLY B 41 7.71 -19.41 0.49
CA GLY B 41 7.01 -18.23 1.00
C GLY B 41 6.73 -18.29 2.49
N THR B 42 7.72 -18.80 3.22
CA THR B 42 7.63 -18.95 4.66
C THR B 42 8.84 -18.25 5.31
N LYS B 43 8.67 -17.84 6.57
CA LYS B 43 9.75 -17.29 7.38
C LYS B 43 10.41 -18.38 8.22
N GLU B 44 9.89 -19.61 8.13
CA GLU B 44 10.40 -20.72 8.92
C GLU B 44 11.54 -21.50 8.26
N SER B 45 12.42 -21.99 9.12
CA SER B 45 13.59 -22.79 8.74
C SER B 45 13.25 -23.97 7.82
N PRO B 46 14.03 -24.15 6.72
CA PRO B 46 13.94 -25.35 5.88
C PRO B 46 14.12 -26.65 6.65
N ASN B 47 14.88 -26.59 7.74
CA ASN B 47 15.23 -27.76 8.53
C ASN B 47 15.60 -27.39 9.97
N GLU B 48 14.60 -27.52 10.85
CA GLU B 48 14.68 -27.21 12.28
C GLU B 48 15.80 -27.93 13.07
N SER B 49 16.21 -29.09 12.56
CA SER B 49 17.31 -29.87 13.15
C SER B 49 18.66 -29.22 12.89
N MET B 50 18.78 -28.51 11.78
CA MET B 50 20.03 -27.85 11.39
C MET B 50 20.13 -26.47 12.01
N PHE B 51 19.06 -25.69 11.88
CA PHE B 51 19.01 -24.35 12.47
C PHE B 51 17.58 -23.83 12.62
N THR B 52 17.33 -23.16 13.73
CA THR B 52 16.06 -22.50 14.02
C THR B 52 16.11 -21.05 13.55
N VAL B 53 14.95 -20.51 13.16
CA VAL B 53 14.83 -19.13 12.71
C VAL B 53 13.67 -18.45 13.43
N GLU B 54 13.97 -17.28 14.00
CA GLU B 54 12.98 -16.31 14.45
C GLU B 54 13.05 -15.10 13.51
N ASN B 55 11.98 -14.32 13.44
CA ASN B 55 11.85 -13.26 12.46
C ASN B 55 11.15 -12.03 13.04
N LYS B 56 11.58 -10.83 12.63
CA LYS B 56 10.97 -9.58 13.12
C LYS B 56 11.12 -8.42 12.13
N TYR B 57 10.02 -7.70 11.85
CA TYR B 57 10.08 -6.43 11.14
C TYR B 57 10.14 -5.22 12.09
N PHE B 58 11.00 -4.28 11.70
CA PHE B 58 11.19 -3.01 12.40
C PHE B 58 10.89 -1.87 11.44
N PRO B 59 9.86 -1.05 11.74
CA PRO B 59 9.55 0.07 10.85
C PRO B 59 10.64 1.14 10.91
N PRO B 60 10.69 2.03 9.91
CA PRO B 60 11.65 3.16 9.95
C PRO B 60 11.23 4.25 10.96
N ASP B 61 12.17 5.08 11.40
CA ASP B 61 11.81 6.24 12.26
C ASP B 61 11.13 7.33 11.40
N SER B 62 11.31 7.28 10.08
CA SER B 62 10.47 8.06 9.14
C SER B 62 8.94 7.83 9.32
N LYS B 63 8.16 8.90 9.23
CA LYS B 63 6.69 8.77 9.15
C LYS B 63 6.11 8.87 7.72
N LEU B 64 6.95 8.75 6.70
CA LEU B 64 6.49 8.83 5.33
C LEU B 64 5.73 7.55 4.99
N LEU B 65 4.75 7.67 4.10
CA LEU B 65 4.07 6.51 3.55
C LEU B 65 4.97 5.92 2.44
N GLY B 66 5.27 4.62 2.53
CA GLY B 66 6.15 3.91 1.58
C GLY B 66 7.60 3.83 1.97
N ALA B 67 7.96 4.42 3.12
CA ALA B 67 9.31 4.31 3.70
C ALA B 67 9.48 2.89 4.21
N GLY B 68 10.56 2.23 3.78
CA GLY B 68 10.86 0.85 4.15
C GLY B 68 11.57 0.73 5.48
N GLY B 69 11.47 -0.46 6.08
CA GLY B 69 12.11 -0.75 7.35
C GLY B 69 13.18 -1.81 7.18
N THR B 70 13.25 -2.72 8.15
CA THR B 70 14.29 -3.72 8.25
C THR B 70 13.70 -5.02 8.81
N GLU B 71 14.00 -6.13 8.16
CA GLU B 71 13.73 -7.45 8.72
C GLU B 71 14.97 -7.96 9.44
N HIS B 72 14.76 -8.41 10.67
CA HIS B 72 15.75 -9.14 11.45
C HIS B 72 15.39 -10.62 11.41
N PHE B 73 16.34 -11.46 10.99
CA PHE B 73 16.24 -12.92 11.12
C PHE B 73 17.27 -13.37 12.14
N HIS B 74 16.82 -13.90 13.25
CA HIS B 74 17.66 -14.44 14.27
C HIS B 74 17.82 -15.95 14.07
N VAL B 75 18.98 -16.35 13.53
CA VAL B 75 19.29 -17.74 13.22
C VAL B 75 20.25 -18.39 14.26
N THR B 76 19.82 -19.50 14.83
CA THR B 76 20.66 -20.30 15.75
C THR B 76 20.97 -21.66 15.15
N VAL B 77 22.24 -21.96 14.94
CA VAL B 77 22.67 -23.28 14.44
C VAL B 77 22.56 -24.39 15.52
N LYS B 78 21.99 -25.53 15.10
CA LYS B 78 21.58 -26.61 16.00
C LYS B 78 22.36 -27.91 15.81
N ALA B 79 23.03 -28.05 14.67
CA ALA B 79 23.89 -29.20 14.37
C ALA B 79 25.15 -28.69 13.67
N ALA B 80 26.20 -29.50 13.73
CA ALA B 80 27.47 -29.18 13.06
C ALA B 80 27.26 -29.29 11.56
N GLY B 81 28.04 -28.56 10.78
CA GLY B 81 27.90 -28.58 9.32
C GLY B 81 27.96 -27.18 8.77
N THR B 82 27.98 -27.05 7.44
CA THR B 82 27.89 -25.75 6.77
C THR B 82 26.49 -25.55 6.19
N HIS B 83 25.74 -24.61 6.77
CA HIS B 83 24.29 -24.48 6.43
C HIS B 83 23.98 -23.25 5.58
N ALA B 84 23.38 -23.49 4.42
CA ALA B 84 22.91 -22.41 3.54
C ALA B 84 21.63 -21.78 4.11
N VAL B 85 21.71 -20.50 4.47
CA VAL B 85 20.50 -19.72 4.66
C VAL B 85 20.23 -18.82 3.42
N ASN B 86 19.23 -19.29 2.64
CA ASN B 86 18.85 -18.74 1.35
C ASN B 86 17.50 -18.02 1.43
N LEU B 87 17.52 -16.70 1.24
CA LEU B 87 16.33 -15.85 1.26
C LEU B 87 16.13 -15.23 -0.11
N THR B 88 14.86 -14.98 -0.44
CA THR B 88 14.48 -14.27 -1.67
C THR B 88 13.51 -13.17 -1.29
N TYR B 89 13.71 -11.98 -1.87
CA TYR B 89 12.82 -10.85 -1.69
C TYR B 89 11.74 -10.90 -2.75
N MET B 90 10.51 -11.14 -2.30
CA MET B 90 9.44 -11.42 -3.22
C MET B 90 8.05 -11.14 -2.65
N ARG B 91 7.07 -11.01 -3.54
CA ARG B 91 5.68 -11.02 -3.12
C ARG B 91 5.20 -12.46 -2.97
N PRO B 92 4.57 -12.80 -1.82
CA PRO B 92 4.17 -14.18 -1.60
C PRO B 92 3.09 -14.72 -2.55
N TRP B 93 2.20 -13.89 -3.08
CA TRP B 93 1.25 -14.34 -4.09
C TRP B 93 1.83 -14.51 -5.52
N THR B 94 3.02 -13.96 -5.76
CA THR B 94 3.65 -14.04 -7.08
C THR B 94 4.72 -15.13 -7.12
N GLY B 95 5.50 -15.21 -6.06
CA GLY B 95 6.64 -16.08 -5.98
C GLY B 95 7.81 -15.42 -6.71
N PRO B 96 8.93 -16.13 -6.75
CA PRO B 96 10.17 -15.58 -7.29
C PRO B 96 10.22 -15.62 -8.82
N SER B 97 11.11 -14.82 -9.38
CA SER B 97 11.45 -14.91 -10.81
C SER B 97 12.96 -14.93 -10.92
N HIS B 98 13.42 -15.09 -12.17
CA HIS B 98 14.83 -15.00 -12.55
C HIS B 98 15.54 -13.85 -11.82
N ASP B 99 14.89 -12.69 -11.82
CA ASP B 99 15.46 -11.45 -11.33
C ASP B 99 15.04 -11.06 -9.90
N SER B 100 14.68 -12.03 -9.06
CA SER B 100 14.38 -11.67 -7.67
C SER B 100 15.69 -11.40 -6.92
N GLU B 101 15.67 -10.45 -6.00
CA GLU B 101 16.85 -10.21 -5.18
C GLU B 101 16.97 -11.35 -4.18
N ARG B 102 18.17 -11.90 -4.10
CA ARG B 102 18.42 -13.04 -3.25
C ARG B 102 19.52 -12.72 -2.28
N PHE B 103 19.42 -13.29 -1.08
CA PHE B 103 20.47 -13.18 -0.10
C PHE B 103 20.87 -14.58 0.38
N THR B 104 22.17 -14.87 0.39
CA THR B 104 22.67 -16.10 0.98
C THR B 104 23.82 -15.87 1.93
N VAL B 105 23.77 -16.53 3.07
CA VAL B 105 24.95 -16.66 3.95
C VAL B 105 25.09 -18.16 4.32
N TYR B 106 26.32 -18.63 4.45
CA TYR B 106 26.62 -19.99 4.89
C TYR B 106 27.09 -19.92 6.30
N LEU B 107 26.49 -20.74 7.18
CA LEU B 107 26.87 -20.79 8.59
C LEU B 107 27.58 -22.13 8.86
N LYS B 108 28.89 -22.04 9.13
CA LYS B 108 29.76 -23.18 9.34
C LYS B 108 30.00 -23.36 10.84
N ALA B 109 29.42 -24.40 11.42
CA ALA B 109 29.69 -24.79 12.81
C ALA B 109 30.48 -26.10 12.86
N ASN B 110 31.56 -26.17 13.64
CA ASN B 110 32.30 -27.44 13.77
C ASN B 110 31.63 -28.42 14.78
#